data_3K9O
#
_entry.id   3K9O
#
_cell.length_a   102.480
_cell.length_b   50.547
_cell.length_c   71.323
_cell.angle_alpha   90.00
_cell.angle_beta   125.01
_cell.angle_gamma   90.00
#
_symmetry.space_group_name_H-M   'C 1 2 1'
#
loop_
_entity.id
_entity.type
_entity.pdbx_description
1 polymer 'Ubiquitin-conjugating enzyme E2 K'
2 polymer Ubiquitin
3 water water
#
loop_
_entity_poly.entity_id
_entity_poly.type
_entity_poly.pdbx_seq_one_letter_code
_entity_poly.pdbx_strand_id
1 'polypeptide(L)'
;GMANIAVQRIKREFKEVLKSEETSKNQIKVDLVDENFTELRGEIAGPPDTPYEGGRYQLEIKIPETYPFNPPKVRFITKI
WHPNISSVTGAICLDILKDQWAAAMTLRTVLLSLQALLAAAEPDDPQDAVVANQYKQNPEMFKQTARLWAHVYAGAPVSS
PEYTKKIENLCAMGFDRNAVIVALSSKSWDVETATELLLSN
;
A
2 'polypeptide(L)'
;GMQIFVKTLTGKTITLEVEPSDTIENVKAKIQDKEGIPPDQQRLIFAGKQLEDGRTLSDYNIQKESTLHLVLRLRGYADL
REDPDRQDHHPGSGAQ
;
B
#
# COMPACT_ATOMS: atom_id res chain seq x y z
N ASN A 4 -23.31 2.10 -24.78
CA ASN A 4 -23.95 1.82 -23.43
C ASN A 4 -25.50 1.74 -23.50
N ILE A 5 -26.02 0.51 -23.64
CA ILE A 5 -27.47 0.24 -23.76
C ILE A 5 -28.22 0.62 -22.48
N ALA A 6 -27.49 0.51 -21.36
CA ALA A 6 -28.02 0.91 -20.06
C ALA A 6 -27.83 2.38 -19.79
N VAL A 7 -27.51 3.19 -20.81
CA VAL A 7 -27.17 4.57 -20.49
C VAL A 7 -28.30 5.35 -19.82
N GLN A 8 -29.56 5.17 -20.23
CA GLN A 8 -30.65 5.92 -19.62
C GLN A 8 -30.68 5.67 -18.11
N ARG A 9 -30.55 4.40 -17.76
CA ARG A 9 -30.62 4.02 -16.32
C ARG A 9 -29.43 4.61 -15.58
N ILE A 10 -28.23 4.52 -16.17
CA ILE A 10 -27.03 5.01 -15.40
C ILE A 10 -27.16 6.50 -15.18
N LYS A 11 -27.63 7.24 -16.21
CA LYS A 11 -27.82 8.67 -16.02
C LYS A 11 -28.79 8.98 -14.93
N ARG A 12 -29.86 8.18 -14.86
CA ARG A 12 -30.90 8.42 -13.84
C ARG A 12 -30.32 8.12 -12.43
N GLU A 13 -29.63 6.99 -12.32
CA GLU A 13 -28.98 6.60 -11.01
C GLU A 13 -27.91 7.56 -10.59
N PHE A 14 -27.12 8.03 -11.53
CA PHE A 14 -26.16 9.13 -11.31
C PHE A 14 -26.83 10.35 -10.70
N LYS A 15 -27.88 10.83 -11.36
CA LYS A 15 -28.65 11.95 -10.80
C LYS A 15 -29.24 11.66 -9.45
N GLU A 16 -29.69 10.42 -9.20
CA GLU A 16 -30.21 10.05 -7.91
C GLU A 16 -29.14 10.24 -6.81
N VAL A 17 -27.90 9.86 -7.12
CA VAL A 17 -26.83 10.02 -6.09
C VAL A 17 -26.60 11.54 -5.94
N LEU A 18 -26.52 12.25 -7.04
CA LEU A 18 -26.27 13.69 -6.95
C LEU A 18 -27.26 14.36 -6.02
N LYS A 19 -28.53 13.95 -6.13
CA LYS A 19 -29.62 14.55 -5.35
C LYS A 19 -29.89 13.89 -4.02
N SER A 20 -29.09 12.87 -3.65
CA SER A 20 -29.41 12.09 -2.46
C SER A 20 -29.24 12.82 -1.15
N GLU A 21 -29.97 12.37 -0.15
CA GLU A 21 -29.73 12.86 1.19
C GLU A 21 -28.30 12.61 1.67
N GLU A 22 -27.76 11.45 1.30
CA GLU A 22 -26.43 11.05 1.78
C GLU A 22 -25.36 11.91 1.12
N THR A 23 -25.56 12.30 -0.15
CA THR A 23 -24.62 13.26 -0.74
C THR A 23 -24.75 14.62 0.01
N SER A 24 -25.99 15.02 0.30
CA SER A 24 -26.16 16.33 1.02
C SER A 24 -25.47 16.30 2.38
N LYS A 25 -25.36 15.10 2.98
CA LYS A 25 -24.63 14.95 4.24
C LYS A 25 -23.14 14.58 4.11
N ASN A 26 -22.64 14.68 2.89
CA ASN A 26 -21.26 14.43 2.44
C ASN A 26 -20.78 13.03 2.83
N GLN A 27 -21.67 12.05 2.69
CA GLN A 27 -21.34 10.69 2.94
C GLN A 27 -20.87 9.99 1.67
N ILE A 28 -21.53 10.27 0.56
CA ILE A 28 -21.19 9.60 -0.71
C ILE A 28 -21.22 10.66 -1.80
N LYS A 29 -20.59 10.35 -2.91
CA LYS A 29 -20.71 11.20 -4.10
C LYS A 29 -20.30 10.46 -5.32
N VAL A 30 -20.68 10.99 -6.47
CA VAL A 30 -20.25 10.34 -7.73
C VAL A 30 -19.93 11.42 -8.78
N ASP A 31 -19.02 11.09 -9.69
CA ASP A 31 -18.52 11.97 -10.75
C ASP A 31 -18.46 11.22 -12.03
N LEU A 32 -18.59 11.95 -13.14
CA LEU A 32 -18.50 11.27 -14.44
C LEU A 32 -17.00 11.11 -14.86
N VAL A 33 -16.70 10.04 -15.61
CA VAL A 33 -15.36 9.81 -16.15
C VAL A 33 -15.41 9.93 -17.69
N ASP A 34 -16.07 8.99 -18.36
CA ASP A 34 -16.23 9.00 -19.83
C ASP A 34 -17.54 9.66 -20.24
N GLU A 35 -17.65 10.08 -21.49
CA GLU A 35 -18.89 10.73 -21.90
C GLU A 35 -20.05 9.74 -22.13
N ASN A 36 -19.76 8.44 -22.13
CA ASN A 36 -20.79 7.39 -22.33
C ASN A 36 -21.38 6.74 -21.06
N PHE A 37 -20.96 7.22 -19.90
CA PHE A 37 -21.47 6.64 -18.61
C PHE A 37 -21.15 5.17 -18.41
N THR A 38 -20.01 4.72 -18.94
CA THR A 38 -19.63 3.31 -18.70
C THR A 38 -18.57 3.26 -17.58
N GLU A 39 -18.06 4.42 -17.21
CA GLU A 39 -17.14 4.53 -16.09
C GLU A 39 -17.46 5.75 -15.25
N LEU A 40 -17.54 5.52 -13.93
CA LEU A 40 -17.86 6.58 -13.00
C LEU A 40 -16.79 6.59 -11.91
N ARG A 41 -16.74 7.71 -11.20
CA ARG A 41 -15.83 7.80 -10.00
C ARG A 41 -16.65 8.09 -8.78
N GLY A 42 -16.67 7.14 -7.86
CA GLY A 42 -17.44 7.38 -6.63
C GLY A 42 -16.50 7.87 -5.52
N GLU A 43 -17.04 8.41 -4.44
CA GLU A 43 -16.22 8.66 -3.28
C GLU A 43 -17.08 8.43 -2.06
N ILE A 44 -16.49 7.89 -1.00
CA ILE A 44 -17.25 7.66 0.23
C ILE A 44 -16.42 8.18 1.39
N ALA A 45 -17.08 8.69 2.43
CA ALA A 45 -16.45 9.09 3.69
C ALA A 45 -16.14 7.95 4.63
N GLY A 46 -14.97 7.91 5.25
CA GLY A 46 -14.75 6.92 6.35
C GLY A 46 -15.80 7.14 7.45
N PRO A 47 -16.47 6.09 7.92
CA PRO A 47 -17.38 6.30 9.06
C PRO A 47 -16.66 6.76 10.35
N PRO A 48 -17.35 7.56 11.20
CA PRO A 48 -16.70 7.91 12.47
C PRO A 48 -16.59 6.70 13.37
N ASP A 49 -15.60 6.72 14.26
CA ASP A 49 -15.36 5.62 15.17
C ASP A 49 -15.01 4.33 14.43
N THR A 50 -14.23 4.51 13.35
CA THR A 50 -13.54 3.43 12.69
C THR A 50 -12.13 3.93 12.36
N PRO A 51 -11.23 3.02 11.95
CA PRO A 51 -9.92 3.62 11.68
C PRO A 51 -9.89 4.37 10.36
N TYR A 52 -11.01 4.31 9.61
CA TYR A 52 -11.05 5.15 8.36
C TYR A 52 -11.64 6.56 8.53
N GLU A 53 -12.06 6.87 9.75
CA GLU A 53 -12.62 8.20 10.03
C GLU A 53 -11.70 9.34 9.59
N GLY A 54 -12.28 10.39 9.04
CA GLY A 54 -11.51 11.55 8.55
C GLY A 54 -10.91 11.38 7.18
N GLY A 55 -11.04 10.14 6.64
CA GLY A 55 -10.54 9.83 5.31
C GLY A 55 -11.67 9.93 4.26
N ARG A 56 -11.28 10.08 3.02
CA ARG A 56 -12.24 9.98 1.89
C ARG A 56 -11.70 9.00 0.88
N TYR A 57 -12.54 8.14 0.30
CA TYR A 57 -12.00 6.98 -0.50
C TYR A 57 -12.66 7.08 -1.87
N GLN A 58 -11.85 7.17 -2.92
CA GLN A 58 -12.34 7.22 -4.28
C GLN A 58 -12.47 5.80 -4.83
N LEU A 59 -13.51 5.60 -5.62
CA LEU A 59 -13.87 4.30 -6.15
C LEU A 59 -13.97 4.36 -7.67
N GLU A 60 -13.32 3.43 -8.37
CA GLU A 60 -13.53 3.24 -9.83
C GLU A 60 -14.77 2.38 -10.02
N ILE A 61 -15.75 2.84 -10.83
CA ILE A 61 -17.00 2.02 -11.01
C ILE A 61 -17.08 1.85 -12.54
N LYS A 62 -17.04 0.61 -13.00
CA LYS A 62 -17.14 0.29 -14.44
C LYS A 62 -18.43 -0.44 -14.66
N ILE A 63 -19.19 -0.08 -15.71
CA ILE A 63 -20.44 -0.76 -15.97
C ILE A 63 -20.18 -1.79 -17.11
N PRO A 64 -20.28 -3.09 -16.81
CA PRO A 64 -19.99 -4.13 -17.82
C PRO A 64 -21.13 -4.24 -18.84
N GLU A 65 -20.82 -4.75 -20.04
CA GLU A 65 -21.87 -4.79 -21.09
C GLU A 65 -23.07 -5.63 -20.67
N THR A 66 -22.85 -6.59 -19.78
CA THR A 66 -23.92 -7.44 -19.22
C THR A 66 -24.69 -6.85 -18.03
N TYR A 67 -24.41 -5.62 -17.69
CA TYR A 67 -25.21 -4.94 -16.63
C TYR A 67 -26.61 -4.70 -17.26
N PRO A 68 -27.75 -4.80 -16.48
CA PRO A 68 -27.73 -4.97 -15.00
C PRO A 68 -27.82 -6.40 -14.51
N PHE A 69 -27.63 -7.39 -15.37
CA PHE A 69 -27.80 -8.81 -14.97
C PHE A 69 -26.57 -9.24 -14.13
N ASN A 70 -25.44 -8.70 -14.53
CA ASN A 70 -24.23 -8.73 -13.69
C ASN A 70 -23.96 -7.35 -13.07
N PRO A 71 -23.31 -7.33 -11.89
CA PRO A 71 -23.05 -6.11 -11.17
C PRO A 71 -21.98 -5.20 -11.79
N PRO A 72 -21.98 -3.93 -11.40
CA PRO A 72 -20.92 -3.00 -11.78
C PRO A 72 -19.65 -3.59 -11.13
N LYS A 73 -18.53 -3.32 -11.74
CA LYS A 73 -17.21 -3.76 -11.21
C LYS A 73 -16.65 -2.54 -10.46
N VAL A 74 -16.37 -2.73 -9.17
CA VAL A 74 -15.95 -1.58 -8.34
C VAL A 74 -14.62 -1.92 -7.69
N ARG A 75 -13.74 -0.95 -7.63
CA ARG A 75 -12.43 -1.15 -7.00
C ARG A 75 -12.07 0.15 -6.32
N PHE A 76 -11.42 0.05 -5.16
CA PHE A 76 -10.89 1.28 -4.53
C PHE A 76 -9.66 1.82 -5.27
N ILE A 77 -9.76 3.09 -5.65
CA ILE A 77 -8.65 3.83 -6.22
C ILE A 77 -7.70 4.21 -5.09
N THR A 78 -8.27 4.72 -4.01
CA THR A 78 -7.55 5.10 -2.79
C THR A 78 -7.09 3.82 -2.10
N LYS A 79 -5.82 3.73 -1.78
CA LYS A 79 -5.30 2.47 -1.14
C LYS A 79 -5.86 2.46 0.25
N ILE A 80 -6.13 1.24 0.69
CA ILE A 80 -6.83 1.03 1.97
C ILE A 80 -6.41 -0.30 2.59
N TRP A 81 -6.33 -0.34 3.95
CA TRP A 81 -6.00 -1.55 4.65
C TRP A 81 -7.32 -2.08 5.30
N HIS A 82 -7.85 -3.14 4.71
CA HIS A 82 -9.19 -3.70 5.16
C HIS A 82 -9.25 -5.15 4.74
N PRO A 83 -9.81 -6.04 5.56
CA PRO A 83 -9.80 -7.46 5.15
C PRO A 83 -10.55 -7.79 3.85
N ASN A 84 -11.53 -6.94 3.47
CA ASN A 84 -12.31 -7.23 2.29
C ASN A 84 -11.88 -6.43 1.08
N ILE A 85 -10.69 -5.82 1.15
CA ILE A 85 -10.22 -5.00 0.01
C ILE A 85 -8.77 -5.34 -0.19
N SER A 86 -8.34 -5.55 -1.45
CA SER A 86 -6.93 -5.85 -1.66
C SER A 86 -6.02 -4.62 -1.34
N SER A 87 -5.03 -4.90 -0.49
CA SER A 87 -4.06 -3.92 -0.06
C SER A 87 -3.15 -3.55 -1.22
N VAL A 88 -3.19 -4.35 -2.29
CA VAL A 88 -2.35 -4.06 -3.46
C VAL A 88 -3.12 -3.44 -4.60
N THR A 89 -4.31 -3.97 -4.85
CA THR A 89 -5.09 -3.53 -6.02
C THR A 89 -6.35 -2.73 -5.79
N GLY A 90 -6.93 -2.84 -4.59
CA GLY A 90 -8.20 -2.14 -4.34
C GLY A 90 -9.37 -3.01 -4.74
N ALA A 91 -9.09 -4.24 -5.19
CA ALA A 91 -10.23 -5.14 -5.50
C ALA A 91 -11.08 -5.44 -4.24
N ILE A 92 -12.39 -5.61 -4.44
CA ILE A 92 -13.33 -5.72 -3.34
C ILE A 92 -14.03 -7.06 -3.27
N CYS A 93 -14.13 -7.65 -2.08
CA CYS A 93 -14.92 -8.85 -1.85
C CYS A 93 -16.13 -8.47 -1.01
N LEU A 94 -17.29 -8.43 -1.64
CA LEU A 94 -18.52 -7.98 -0.96
C LEU A 94 -19.69 -8.75 -1.65
N ASP A 95 -20.54 -9.40 -0.85
CA ASP A 95 -21.66 -10.23 -1.36
C ASP A 95 -22.43 -9.62 -2.58
N ILE A 96 -22.83 -8.36 -2.46
CA ILE A 96 -23.68 -7.73 -3.50
C ILE A 96 -22.97 -7.44 -4.78
N LEU A 97 -21.62 -7.50 -4.76
CA LEU A 97 -20.86 -7.29 -5.93
C LEU A 97 -20.47 -8.63 -6.61
N LYS A 98 -20.93 -9.70 -6.03
CA LYS A 98 -20.66 -10.95 -6.68
C LYS A 98 -21.97 -11.68 -6.71
N ASP A 99 -22.18 -12.71 -5.92
CA ASP A 99 -23.37 -13.47 -6.29
C ASP A 99 -24.68 -13.10 -5.63
N GLN A 100 -24.65 -12.09 -4.77
CA GLN A 100 -25.86 -11.55 -4.16
C GLN A 100 -26.33 -10.25 -4.86
N TRP A 101 -25.74 -9.94 -5.98
CA TRP A 101 -26.23 -8.83 -6.78
C TRP A 101 -27.68 -9.10 -7.25
N ALA A 102 -28.53 -8.06 -7.20
CA ALA A 102 -29.85 -8.15 -7.85
C ALA A 102 -29.91 -6.99 -8.80
N ALA A 103 -30.55 -7.25 -9.94
CA ALA A 103 -30.57 -6.30 -11.04
C ALA A 103 -31.17 -4.96 -10.67
N ALA A 104 -32.06 -4.92 -9.67
CA ALA A 104 -32.73 -3.68 -9.29
C ALA A 104 -31.89 -2.85 -8.36
N MET A 105 -30.72 -3.34 -7.93
CA MET A 105 -29.92 -2.49 -7.07
C MET A 105 -29.37 -1.23 -7.72
N THR A 106 -29.25 -0.14 -6.94
CA THR A 106 -28.83 1.11 -7.60
C THR A 106 -27.39 1.48 -7.26
N LEU A 107 -26.88 2.47 -7.99
CA LEU A 107 -25.51 3.01 -7.66
C LEU A 107 -25.48 3.55 -6.23
N ARG A 108 -26.53 4.22 -5.79
CA ARG A 108 -26.58 4.71 -4.40
C ARG A 108 -26.46 3.54 -3.42
N THR A 109 -27.17 2.43 -3.68
CA THR A 109 -27.10 1.25 -2.82
C THR A 109 -25.70 0.69 -2.75
N VAL A 110 -25.05 0.61 -3.90
CA VAL A 110 -23.69 0.11 -3.93
C VAL A 110 -22.76 1.02 -3.11
N LEU A 111 -22.89 2.33 -3.29
CA LEU A 111 -22.00 3.24 -2.54
C LEU A 111 -22.23 3.10 -1.02
N LEU A 112 -23.49 3.06 -0.62
CA LEU A 112 -23.76 2.97 0.83
C LEU A 112 -23.37 1.63 1.40
N SER A 113 -23.43 0.57 0.59
CA SER A 113 -22.99 -0.79 1.02
C SER A 113 -21.50 -0.76 1.24
N LEU A 114 -20.78 -0.08 0.35
CA LEU A 114 -19.34 0.09 0.61
C LEU A 114 -18.98 0.94 1.82
N GLN A 115 -19.72 2.02 2.08
CA GLN A 115 -19.46 2.79 3.27
C GLN A 115 -19.75 1.95 4.52
N ALA A 116 -20.77 1.10 4.42
CA ALA A 116 -21.11 0.17 5.53
C ALA A 116 -20.01 -0.85 5.75
N LEU A 117 -19.36 -1.27 4.64
CA LEU A 117 -18.25 -2.22 4.75
C LEU A 117 -17.09 -1.62 5.55
N LEU A 118 -16.90 -0.33 5.44
CA LEU A 118 -15.81 0.33 6.16
C LEU A 118 -16.16 0.35 7.64
N ALA A 119 -17.45 0.16 7.95
CA ALA A 119 -17.86 0.29 9.38
C ALA A 119 -17.65 -1.01 10.03
N ALA A 120 -17.73 -2.06 9.23
CA ALA A 120 -17.64 -3.45 9.72
C ALA A 120 -17.14 -4.46 8.69
N ALA A 121 -15.91 -4.94 8.93
CA ALA A 121 -15.32 -5.95 8.11
C ALA A 121 -15.99 -7.28 8.21
N GLU A 122 -15.88 -8.07 7.15
CA GLU A 122 -16.39 -9.43 7.09
C GLU A 122 -15.20 -10.39 6.93
N PRO A 123 -14.40 -10.63 8.01
CA PRO A 123 -13.14 -11.38 7.84
C PRO A 123 -13.28 -12.89 7.49
N ASP A 124 -14.46 -13.44 7.70
CA ASP A 124 -14.82 -14.80 7.25
C ASP A 124 -14.75 -14.91 5.72
N ASP A 125 -15.02 -13.82 5.00
CA ASP A 125 -14.96 -13.89 3.53
C ASP A 125 -14.04 -12.79 2.97
N PRO A 126 -12.74 -12.93 3.24
CA PRO A 126 -11.83 -11.81 2.98
C PRO A 126 -11.38 -11.73 1.54
N GLN A 127 -10.89 -10.56 1.13
CA GLN A 127 -10.23 -10.40 -0.15
C GLN A 127 -8.74 -10.65 0.09
N ASP A 128 -8.24 -10.22 1.26
CA ASP A 128 -6.78 -10.10 1.41
C ASP A 128 -6.40 -10.85 2.68
N ALA A 129 -5.85 -12.06 2.48
CA ALA A 129 -5.60 -12.97 3.61
C ALA A 129 -4.63 -12.39 4.66
N VAL A 130 -3.66 -11.62 4.19
CA VAL A 130 -2.66 -11.00 5.10
C VAL A 130 -3.37 -10.03 6.03
N VAL A 131 -4.18 -9.17 5.45
CA VAL A 131 -4.93 -8.20 6.26
C VAL A 131 -5.97 -8.86 7.20
N ALA A 132 -6.66 -9.87 6.69
CA ALA A 132 -7.65 -10.56 7.48
C ALA A 132 -6.95 -11.28 8.67
N ASN A 133 -5.83 -11.92 8.39
CA ASN A 133 -5.05 -12.55 9.50
C ASN A 133 -4.67 -11.53 10.61
N GLN A 134 -4.13 -10.37 10.22
CA GLN A 134 -3.84 -9.37 11.21
C GLN A 134 -5.09 -8.88 11.98
N TYR A 135 -6.19 -8.67 11.24
CA TYR A 135 -7.43 -8.20 11.84
C TYR A 135 -7.87 -9.14 13.03
N LYS A 136 -7.65 -10.42 12.84
CA LYS A 136 -8.07 -11.47 13.82
C LYS A 136 -6.98 -11.61 14.91
N GLN A 137 -5.73 -11.63 14.48
CA GLN A 137 -4.62 -12.05 15.38
C GLN A 137 -4.13 -10.89 16.20
N ASN A 138 -4.19 -9.67 15.66
CA ASN A 138 -3.71 -8.51 16.41
C ASN A 138 -4.59 -7.30 16.08
N PRO A 139 -5.79 -7.27 16.65
CA PRO A 139 -6.72 -6.19 16.33
C PRO A 139 -6.18 -4.79 16.61
N GLU A 140 -5.36 -4.60 17.66
CA GLU A 140 -4.83 -3.31 17.86
C GLU A 140 -3.87 -2.84 16.73
N MET A 141 -2.94 -3.69 16.32
CA MET A 141 -2.03 -3.33 15.19
C MET A 141 -2.90 -3.12 13.90
N PHE A 142 -3.91 -3.95 13.70
CA PHE A 142 -4.80 -3.74 12.54
C PHE A 142 -5.37 -2.34 12.57
N LYS A 143 -5.95 -1.93 13.73
CA LYS A 143 -6.47 -0.57 13.84
C LYS A 143 -5.43 0.51 13.56
N GLN A 144 -4.21 0.42 14.14
CA GLN A 144 -3.25 1.43 13.89
C GLN A 144 -2.77 1.37 12.42
N THR A 145 -2.72 0.18 11.85
CA THR A 145 -2.24 0.08 10.47
C THR A 145 -3.27 0.72 9.51
N ALA A 146 -4.56 0.40 9.77
CA ALA A 146 -5.61 1.03 8.96
C ALA A 146 -5.62 2.55 9.07
N ARG A 147 -5.41 3.07 10.27
CA ARG A 147 -5.35 4.50 10.50
C ARG A 147 -4.19 5.13 9.78
N LEU A 148 -3.06 4.42 9.72
CA LEU A 148 -1.87 4.93 9.02
C LEU A 148 -2.17 5.02 7.54
N TRP A 149 -2.84 3.99 6.98
CA TRP A 149 -3.16 4.02 5.56
C TRP A 149 -4.22 5.11 5.33
N ALA A 150 -5.09 5.33 6.30
CA ALA A 150 -6.13 6.40 6.10
C ALA A 150 -5.42 7.77 6.10
N HIS A 151 -4.42 7.92 6.95
CA HIS A 151 -3.61 9.16 6.90
C HIS A 151 -2.77 9.31 5.61
N VAL A 152 -2.08 8.26 5.19
CA VAL A 152 -1.19 8.40 4.08
C VAL A 152 -1.94 8.60 2.77
N TYR A 153 -3.03 7.85 2.64
CA TYR A 153 -3.73 7.77 1.32
C TYR A 153 -5.05 8.51 1.26
N ALA A 154 -5.79 8.61 2.38
CA ALA A 154 -7.18 9.06 2.28
C ALA A 154 -7.35 10.46 2.95
N GLY A 155 -6.25 11.10 3.39
CA GLY A 155 -6.36 12.44 4.02
C GLY A 155 -6.73 12.51 5.51
N ALA A 156 -6.71 11.39 6.25
CA ALA A 156 -7.17 11.34 7.65
C ALA A 156 -6.06 11.99 8.51
N PRO A 157 -6.38 12.40 9.75
CA PRO A 157 -5.32 13.05 10.57
C PRO A 157 -4.17 12.09 10.89
N VAL A 158 -3.11 12.66 11.47
CA VAL A 158 -1.89 11.88 11.78
C VAL A 158 -2.16 10.58 12.51
N SER A 159 -1.25 9.63 12.25
CA SER A 159 -1.21 8.28 12.77
C SER A 159 0.08 8.08 13.56
N SER A 160 0.45 6.84 13.81
CA SER A 160 1.66 6.48 14.56
C SER A 160 2.97 7.18 14.07
N PRO A 161 3.57 8.04 14.92
CA PRO A 161 4.88 8.55 14.54
C PRO A 161 5.95 7.45 14.43
N GLU A 162 5.81 6.35 15.19
CA GLU A 162 6.81 5.25 15.14
C GLU A 162 6.67 4.55 13.78
N TYR A 163 5.44 4.37 13.29
CA TYR A 163 5.28 3.71 11.96
C TYR A 163 5.86 4.64 10.90
N THR A 164 5.52 5.92 10.98
CA THR A 164 6.12 6.91 10.05
C THR A 164 7.66 6.84 9.98
N LYS A 165 8.31 6.74 11.13
CA LYS A 165 9.78 6.73 11.16
C LYS A 165 10.30 5.44 10.55
N LYS A 166 9.61 4.31 10.75
CA LYS A 166 10.06 3.08 10.07
C LYS A 166 9.93 3.22 8.56
N ILE A 167 8.81 3.82 8.10
CA ILE A 167 8.61 4.03 6.64
C ILE A 167 9.75 4.93 6.11
N GLU A 168 10.04 6.00 6.84
CA GLU A 168 11.11 6.97 6.40
C GLU A 168 12.44 6.25 6.29
N ASN A 169 12.75 5.43 7.27
CA ASN A 169 14.03 4.71 7.29
C ASN A 169 14.22 3.78 6.10
N LEU A 170 13.19 3.05 5.76
CA LEU A 170 13.27 2.19 4.62
C LEU A 170 13.24 2.96 3.30
N CYS A 171 12.41 4.02 3.21
CA CYS A 171 12.46 4.87 1.97
C CYS A 171 13.87 5.45 1.74
N ALA A 172 14.60 5.67 2.83
CA ALA A 172 15.97 6.25 2.77
C ALA A 172 16.96 5.28 2.11
N MET A 173 16.62 4.00 2.07
CA MET A 173 17.43 3.00 1.32
C MET A 173 17.11 3.05 -0.16
N GLY A 174 16.08 3.84 -0.49
CA GLY A 174 15.68 4.00 -1.88
C GLY A 174 14.54 3.10 -2.36
N PHE A 175 13.95 2.28 -1.46
CA PHE A 175 12.74 1.53 -1.84
C PHE A 175 11.53 2.44 -2.14
N ASP A 176 10.65 1.96 -2.99
CA ASP A 176 9.41 2.74 -3.38
C ASP A 176 8.52 2.87 -2.10
N ARG A 177 8.04 4.07 -1.79
CA ARG A 177 7.22 4.32 -0.59
C ARG A 177 6.04 3.37 -0.50
N ASN A 178 5.26 3.20 -1.57
CA ASN A 178 4.13 2.29 -1.45
C ASN A 178 4.58 0.85 -1.15
N ALA A 179 5.68 0.39 -1.74
CA ALA A 179 6.17 -0.95 -1.48
C ALA A 179 6.61 -1.06 -0.04
N VAL A 180 7.24 -0.01 0.46
CA VAL A 180 7.68 0.00 1.87
C VAL A 180 6.47 -0.08 2.84
N ILE A 181 5.44 0.70 2.58
CA ILE A 181 4.24 0.64 3.44
C ILE A 181 3.61 -0.73 3.43
N VAL A 182 3.43 -1.32 2.27
CA VAL A 182 2.75 -2.58 2.29
C VAL A 182 3.62 -3.68 2.88
N ALA A 183 4.95 -3.63 2.66
CA ALA A 183 5.91 -4.59 3.28
C ALA A 183 5.84 -4.49 4.79
N LEU A 184 5.91 -3.30 5.35
CA LEU A 184 5.90 -3.19 6.85
C LEU A 184 4.52 -3.62 7.38
N SER A 185 3.43 -3.19 6.70
CA SER A 185 2.06 -3.48 7.22
C SER A 185 1.81 -5.01 7.23
N SER A 186 2.37 -5.69 6.22
CA SER A 186 2.25 -7.16 6.00
C SER A 186 3.18 -7.96 6.89
N LYS A 187 4.16 -7.31 7.48
CA LYS A 187 5.14 -8.06 8.28
C LYS A 187 5.15 -7.59 9.75
N SER A 188 3.98 -7.20 10.27
CA SER A 188 3.88 -6.75 11.68
C SER A 188 4.78 -5.59 12.06
N TRP A 189 5.09 -4.74 11.08
CA TRP A 189 5.94 -3.54 11.27
C TRP A 189 7.35 -3.95 11.76
N ASP A 190 7.73 -5.16 11.48
CA ASP A 190 9.09 -5.62 11.79
C ASP A 190 10.05 -5.23 10.62
N VAL A 191 10.98 -4.31 10.93
CA VAL A 191 11.84 -3.78 9.94
C VAL A 191 12.68 -4.89 9.26
N GLU A 192 13.20 -5.83 10.05
CA GLU A 192 13.96 -6.92 9.42
C GLU A 192 13.23 -7.75 8.37
N THR A 193 12.05 -8.26 8.72
CA THR A 193 11.30 -9.04 7.77
C THR A 193 10.61 -8.24 6.61
N ALA A 194 10.27 -6.97 6.83
CA ALA A 194 9.68 -6.13 5.79
C ALA A 194 10.83 -5.92 4.80
N THR A 195 12.05 -5.71 5.30
CA THR A 195 13.21 -5.44 4.39
C THR A 195 13.50 -6.71 3.56
N GLU A 196 13.37 -7.85 4.21
CA GLU A 196 13.57 -9.13 3.48
C GLU A 196 12.52 -9.31 2.39
N LEU A 197 11.26 -8.95 2.69
CA LEU A 197 10.23 -8.96 1.63
C LEU A 197 10.52 -8.03 0.47
N LEU A 198 10.92 -6.80 0.82
CA LEU A 198 11.32 -5.83 -0.20
C LEU A 198 12.46 -6.35 -1.09
N LEU A 199 13.41 -7.07 -0.53
CA LEU A 199 14.53 -7.67 -1.31
C LEU A 199 14.14 -8.92 -2.11
N SER A 200 12.94 -9.47 -1.84
CA SER A 200 12.41 -10.60 -2.60
C SER A 200 11.64 -10.11 -3.82
N ASN A 201 11.36 -8.80 -3.83
CA ASN A 201 10.38 -8.13 -4.69
C ASN A 201 8.91 -8.41 -4.28
N MET B 2 38.44 7.39 -1.95
CA MET B 2 37.32 8.26 -1.47
C MET B 2 36.62 7.63 -0.28
N GLN B 3 35.85 8.42 0.43
CA GLN B 3 35.10 7.85 1.54
C GLN B 3 33.60 7.65 1.22
N ILE B 4 33.04 6.51 1.66
CA ILE B 4 31.60 6.31 1.53
C ILE B 4 31.13 5.88 2.91
N PHE B 5 29.84 5.95 3.11
CA PHE B 5 29.25 5.56 4.39
C PHE B 5 28.52 4.26 4.19
N VAL B 6 28.53 3.42 5.21
CA VAL B 6 27.75 2.19 5.20
C VAL B 6 26.87 2.20 6.48
N LYS B 7 25.55 2.15 6.27
CA LYS B 7 24.61 2.22 7.39
C LYS B 7 23.90 0.87 7.62
N THR B 8 23.73 0.45 8.90
CA THR B 8 22.97 -0.83 9.18
C THR B 8 21.50 -0.57 9.53
N LEU B 9 20.65 -1.61 9.62
CA LEU B 9 19.19 -1.39 9.86
C LEU B 9 18.88 -0.72 11.22
N THR B 10 19.85 -0.71 12.12
CA THR B 10 19.68 -0.07 13.42
C THR B 10 20.28 1.35 13.42
N GLY B 11 20.57 1.87 12.21
CA GLY B 11 21.06 3.24 12.05
C GLY B 11 22.51 3.46 12.42
N LYS B 12 23.24 2.41 12.80
CA LYS B 12 24.67 2.57 13.07
C LYS B 12 25.41 2.82 11.74
N THR B 13 26.31 3.80 11.71
CA THR B 13 26.98 4.22 10.49
C THR B 13 28.49 4.04 10.59
N ILE B 14 29.07 3.39 9.58
CA ILE B 14 30.50 3.38 9.46
C ILE B 14 31.07 4.06 8.20
N THR B 15 32.35 4.41 8.28
CA THR B 15 33.04 5.10 7.20
C THR B 15 33.98 4.13 6.55
N LEU B 16 34.03 4.10 5.23
CA LEU B 16 34.92 3.20 4.50
C LEU B 16 35.69 3.93 3.47
N GLU B 17 36.98 3.64 3.34
CA GLU B 17 37.75 4.25 2.27
C GLU B 17 37.69 3.23 1.16
N VAL B 18 37.36 3.67 -0.06
CA VAL B 18 37.17 2.77 -1.22
C VAL B 18 37.70 3.45 -2.41
N GLU B 19 37.72 2.75 -3.55
CA GLU B 19 38.05 3.33 -4.84
C GLU B 19 36.79 3.25 -5.78
N PRO B 20 36.57 4.21 -6.69
CA PRO B 20 35.43 4.05 -7.65
C PRO B 20 35.50 2.75 -8.43
N SER B 21 36.73 2.24 -8.63
CA SER B 21 36.89 1.00 -9.41
C SER B 21 36.73 -0.27 -8.59
N ASP B 22 36.50 -0.15 -7.26
CA ASP B 22 36.26 -1.32 -6.45
C ASP B 22 34.96 -2.00 -6.89
N THR B 23 34.98 -3.33 -6.93
CA THR B 23 33.76 -4.09 -7.13
C THR B 23 33.05 -4.19 -5.77
N ILE B 24 31.77 -4.50 -5.84
CA ILE B 24 30.99 -4.68 -4.58
C ILE B 24 31.58 -5.84 -3.77
N GLU B 25 32.08 -6.87 -4.46
CA GLU B 25 32.86 -7.92 -3.78
C GLU B 25 34.05 -7.38 -2.99
N ASN B 26 34.80 -6.46 -3.62
CA ASN B 26 35.93 -5.77 -2.90
C ASN B 26 35.42 -4.96 -1.68
N VAL B 27 34.31 -4.28 -1.86
CA VAL B 27 33.71 -3.49 -0.76
C VAL B 27 33.27 -4.38 0.43
N LYS B 28 32.69 -5.55 0.15
CA LYS B 28 32.27 -6.47 1.19
C LYS B 28 33.52 -6.92 1.94
N ALA B 29 34.60 -7.14 1.20
CA ALA B 29 35.85 -7.54 1.87
C ALA B 29 36.40 -6.43 2.73
N LYS B 30 36.28 -5.18 2.26
CA LYS B 30 36.71 -4.09 3.12
C LYS B 30 35.85 -3.97 4.39
N ILE B 31 34.54 -4.22 4.26
CA ILE B 31 33.72 -4.24 5.42
C ILE B 31 34.11 -5.34 6.41
N GLN B 32 34.41 -6.53 5.90
CA GLN B 32 34.96 -7.62 6.71
C GLN B 32 36.24 -7.18 7.43
N ASP B 33 37.16 -6.54 6.71
CA ASP B 33 38.43 -6.10 7.31
C ASP B 33 38.19 -5.14 8.44
N LYS B 34 37.20 -4.25 8.29
CA LYS B 34 36.98 -3.21 9.25
C LYS B 34 36.04 -3.63 10.36
N GLU B 35 35.04 -4.45 10.08
CA GLU B 35 33.97 -4.71 11.05
C GLU B 35 33.88 -6.15 11.47
N GLY B 36 34.56 -7.05 10.75
CA GLY B 36 34.54 -8.53 11.00
C GLY B 36 33.38 -9.36 10.43
N ILE B 37 32.50 -8.70 9.66
CA ILE B 37 31.33 -9.40 9.11
C ILE B 37 31.70 -10.17 7.86
N PRO B 38 31.44 -11.48 7.86
CA PRO B 38 31.83 -12.26 6.70
C PRO B 38 31.12 -11.76 5.46
N PRO B 39 31.82 -11.59 4.34
CA PRO B 39 31.20 -11.20 3.07
C PRO B 39 29.97 -12.00 2.69
N ASP B 40 29.97 -13.31 2.94
CA ASP B 40 28.81 -14.12 2.61
C ASP B 40 27.55 -13.79 3.40
N GLN B 41 27.66 -13.02 4.47
CA GLN B 41 26.48 -12.60 5.23
C GLN B 41 25.97 -11.20 4.81
N GLN B 42 26.75 -10.52 3.98
CA GLN B 42 26.43 -9.13 3.66
C GLN B 42 25.60 -8.97 2.42
N ARG B 43 24.62 -8.09 2.52
CA ARG B 43 23.97 -7.58 1.28
C ARG B 43 24.04 -6.06 1.34
N LEU B 44 24.44 -5.42 0.23
CA LEU B 44 24.58 -3.97 0.20
C LEU B 44 23.49 -3.45 -0.75
N ILE B 45 22.77 -2.46 -0.27
CA ILE B 45 21.65 -1.86 -0.98
C ILE B 45 21.94 -0.39 -1.30
N PHE B 46 21.57 0.03 -2.53
CA PHE B 46 21.74 1.42 -2.94
C PHE B 46 20.57 1.66 -3.93
N ALA B 47 19.91 2.81 -3.78
CA ALA B 47 18.80 3.23 -4.65
C ALA B 47 17.74 2.13 -4.74
N GLY B 48 17.39 1.57 -3.60
CA GLY B 48 16.38 0.49 -3.56
C GLY B 48 16.71 -0.83 -4.21
N LYS B 49 17.99 -1.10 -4.53
CA LYS B 49 18.37 -2.37 -5.19
C LYS B 49 19.48 -3.06 -4.44
N GLN B 50 19.45 -4.38 -4.40
CA GLN B 50 20.59 -5.12 -3.84
C GLN B 50 21.70 -5.10 -4.92
N LEU B 51 22.90 -4.69 -4.55
CA LEU B 51 24.05 -4.59 -5.48
C LEU B 51 24.67 -5.93 -5.80
N GLU B 52 25.13 -6.10 -7.03
CA GLU B 52 25.78 -7.34 -7.41
C GLU B 52 27.28 -7.31 -7.19
N ASP B 53 27.82 -8.42 -6.69
CA ASP B 53 29.24 -8.48 -6.30
C ASP B 53 30.22 -8.10 -7.40
N GLY B 54 29.87 -8.46 -8.63
CA GLY B 54 30.79 -8.30 -9.79
C GLY B 54 30.90 -6.90 -10.38
N ARG B 55 29.96 -5.99 -10.07
CA ARG B 55 30.02 -4.64 -10.61
C ARG B 55 30.76 -3.66 -9.72
N THR B 56 31.13 -2.53 -10.31
CA THR B 56 31.93 -1.51 -9.58
C THR B 56 31.04 -0.44 -8.97
N LEU B 57 31.61 0.28 -7.97
CA LEU B 57 30.89 1.43 -7.40
C LEU B 57 30.60 2.44 -8.49
N SER B 58 31.56 2.70 -9.37
CA SER B 58 31.28 3.64 -10.45
C SER B 58 30.12 3.23 -11.37
N ASP B 59 29.99 1.92 -11.64
CA ASP B 59 28.93 1.34 -12.46
C ASP B 59 27.57 1.68 -11.87
N TYR B 60 27.52 1.80 -10.52
CA TYR B 60 26.30 2.07 -9.83
C TYR B 60 26.12 3.54 -9.48
N ASN B 61 27.06 4.38 -9.92
CA ASN B 61 27.04 5.81 -9.66
C ASN B 61 27.14 6.05 -8.17
N ILE B 62 27.89 5.18 -7.49
CA ILE B 62 28.07 5.40 -6.09
C ILE B 62 29.35 6.20 -5.97
N GLN B 63 29.23 7.40 -5.38
CA GLN B 63 30.33 8.34 -5.34
C GLN B 63 30.70 8.82 -3.95
N LYS B 64 31.62 9.76 -3.89
CA LYS B 64 32.11 10.18 -2.59
C LYS B 64 30.99 10.65 -1.64
N GLU B 65 31.04 10.12 -0.41
CA GLU B 65 30.11 10.41 0.69
C GLU B 65 28.67 9.88 0.43
N SER B 66 28.50 9.05 -0.58
CA SER B 66 27.27 8.28 -0.81
C SER B 66 27.10 7.33 0.38
N THR B 67 25.87 6.85 0.61
CA THR B 67 25.60 5.87 1.68
C THR B 67 25.08 4.59 1.11
N LEU B 68 25.75 3.50 1.50
CA LEU B 68 25.25 2.20 1.12
C LEU B 68 24.57 1.64 2.37
N HIS B 69 23.61 0.73 2.21
CA HIS B 69 22.85 0.15 3.36
C HIS B 69 23.19 -1.31 3.49
N LEU B 70 23.69 -1.70 4.65
CA LEU B 70 24.06 -3.11 4.86
C LEU B 70 22.92 -3.81 5.50
N VAL B 71 22.47 -4.87 4.85
CA VAL B 71 21.37 -5.71 5.36
C VAL B 71 21.93 -7.12 5.47
N LEU B 72 22.11 -7.57 6.70
CA LEU B 72 22.65 -8.92 6.91
C LEU B 72 21.66 -10.02 6.53
N ARG B 73 22.17 -11.14 6.08
CA ARG B 73 21.28 -12.24 5.73
C ARG B 73 20.59 -12.75 7.02
N LEU B 74 19.35 -13.20 6.86
CA LEU B 74 18.57 -13.67 8.02
C LEU B 74 18.96 -15.07 8.42
N ARG B 75 18.88 -15.33 9.74
CA ARG B 75 19.13 -16.67 10.31
C ARG B 75 18.61 -17.82 9.41
N GLY B 76 17.32 -17.80 9.08
CA GLY B 76 16.70 -18.76 8.16
C GLY B 76 16.19 -20.04 8.84
#